data_1RWP
#
_entry.id   1RWP
#
_cell.length_a   63.216
_cell.length_b   63.216
_cell.length_c   161.694
_cell.angle_alpha   90.00
_cell.angle_beta   90.00
_cell.angle_gamma   90.00
#
_symmetry.space_group_name_H-M   'P 43 21 2'
#
loop_
_entity.id
_entity.type
_entity.pdbx_description
1 polymer 'Interleukin-1 beta convertase'
2 polymer 'Interleukin-1 beta convertase'
3 non-polymer '3-{6-[(8-HYDROXY-QUINOLINE-2-CARBONYL)-AMINO]-2-THIOPHEN-2-YL-HEXANOYLAMINO}-4-OXO-BUTYRI ACID'
4 water water
#
loop_
_entity_poly.entity_id
_entity_poly.type
_entity_poly.pdbx_seq_one_letter_code
_entity_poly.pdbx_strand_id
1 'polypeptide(L)'
;NPAMPTSSGSEGNVKLCSLEEAQRIWKQKSAEIYPIMDKSSRTRLALIICNEEFDSIPRRTGAEVDITGMTMLLQNLGYS
VDVKKNLTASDMTTELEAFAHRPEHKTSDSTFLVFMSHGIREGICGKKHSEQVPDILQLNAIFNMLNTKNCPSLKDKPKV
IIIQACRGDSPGVVWFKD
;
A
2 'polypeptide(L)'
;AIKKAHIEKDFIAFCSSTPDNVSWRHPTMGSVFIGRLIEHMQEYACSCDVEEIFRKVRFSFEQPDGRAQMPTTERVTLTR
CFYLFPGH
;
B
#
loop_
_chem_comp.id
_chem_comp.type
_chem_comp.name
_chem_comp.formula
HQC non-polymer '3-{6-[(8-HYDROXY-QUINOLINE-2-CARBONYL)-AMINO]-2-THIOPHEN-2-YL-HEXANOYLAMINO}-4-OXO-BUTYRI ACID' 'C24 H25 N3 O6 S'
#
# COMPACT_ATOMS: atom_id res chain seq x y z
N THR A 6 13.48 19.44 -11.09
CA THR A 6 13.29 20.07 -9.74
C THR A 6 12.23 19.35 -8.92
N SER A 7 12.51 19.21 -7.62
CA SER A 7 11.58 18.58 -6.68
C SER A 7 10.65 19.59 -5.98
N SER A 8 10.63 20.83 -6.49
CA SER A 8 9.81 21.90 -5.92
C SER A 8 8.32 21.78 -6.28
N GLY A 9 8.03 21.07 -7.37
CA GLY A 9 6.67 20.86 -7.83
C GLY A 9 5.86 19.90 -6.97
N SER A 10 4.63 19.65 -7.38
CA SER A 10 3.69 18.81 -6.62
C SER A 10 4.11 17.34 -6.55
N GLU A 11 4.91 16.90 -7.52
CA GLU A 11 5.36 15.51 -7.59
C GLU A 11 6.63 15.24 -6.78
N GLY A 12 7.28 16.32 -6.33
CA GLY A 12 8.45 16.22 -5.46
C GLY A 12 9.59 15.39 -6.05
N ASN A 13 10.05 14.41 -5.28
CA ASN A 13 11.18 13.55 -5.70
C ASN A 13 10.80 12.46 -6.70
N VAL A 14 9.50 12.35 -7.02
CA VAL A 14 9.03 11.34 -7.96
C VAL A 14 9.35 11.73 -9.40
N LYS A 15 10.11 10.89 -10.09
CA LYS A 15 10.51 11.13 -11.48
C LYS A 15 9.29 11.15 -12.39
N LEU A 16 9.20 12.19 -13.21
CA LEU A 16 8.04 12.43 -14.06
C LEU A 16 8.01 11.51 -15.28
N CYS A 17 6.80 11.15 -15.70
CA CYS A 17 6.59 10.46 -16.95
C CYS A 17 6.24 11.49 -18.01
N SER A 18 7.11 11.64 -19.01
CA SER A 18 6.90 12.59 -20.09
C SER A 18 5.79 12.12 -21.03
N LEU A 19 5.30 13.02 -21.88
CA LEU A 19 4.25 12.72 -22.83
C LEU A 19 4.67 11.67 -23.87
N GLU A 20 5.95 11.69 -24.23
CA GLU A 20 6.53 10.70 -25.14
C GLU A 20 6.56 9.32 -24.49
N GLU A 21 6.87 9.29 -23.19
CA GLU A 21 6.88 8.06 -22.41
C GLU A 21 5.47 7.51 -22.23
N ALA A 22 4.51 8.41 -22.06
CA ALA A 22 3.10 8.05 -21.89
C ALA A 22 2.50 7.46 -23.17
N GLN A 23 3.06 7.85 -24.32
CA GLN A 23 2.62 7.34 -25.62
C GLN A 23 3.22 5.97 -25.91
N ARG A 24 4.49 5.78 -25.53
CA ARG A 24 5.18 4.51 -25.73
C ARG A 24 4.53 3.39 -24.89
N ILE A 25 4.15 3.72 -23.66
CA ILE A 25 3.43 2.78 -22.79
C ILE A 25 2.04 2.49 -23.36
N TRP A 26 1.39 3.52 -23.90
CA TRP A 26 0.10 3.37 -24.59
C TRP A 26 0.20 2.52 -25.85
N LYS A 27 1.42 2.33 -26.35
CA LYS A 27 1.67 1.60 -27.59
C LYS A 27 2.18 0.17 -27.35
N GLN A 28 3.14 0.02 -26.43
CA GLN A 28 3.74 -1.28 -26.12
C GLN A 28 2.72 -2.27 -25.54
N LYS A 29 1.75 -1.74 -24.79
CA LYS A 29 0.59 -2.50 -24.34
C LYS A 29 -0.67 -1.83 -24.87
N SER A 30 -1.61 -2.66 -25.35
CA SER A 30 -2.84 -2.17 -25.97
C SER A 30 -3.85 -1.67 -24.93
N ALA A 31 -5.08 -2.16 -25.02
CA ALA A 31 -6.11 -1.86 -24.03
C ALA A 31 -5.96 -2.78 -22.82
N GLU A 32 -4.75 -2.78 -22.26
CA GLU A 32 -4.43 -3.58 -21.08
C GLU A 32 -3.81 -2.70 -19.99
N ILE A 33 -4.13 -1.41 -20.04
CA ILE A 33 -3.75 -0.45 -19.01
C ILE A 33 -5.02 0.12 -18.36
N TYR A 34 -4.98 0.34 -17.05
CA TYR A 34 -6.07 0.98 -16.34
C TYR A 34 -6.19 2.45 -16.76
N PRO A 35 -7.39 2.87 -17.14
CA PRO A 35 -7.63 4.27 -17.53
C PRO A 35 -7.42 5.22 -16.37
N ILE A 36 -6.75 6.34 -16.63
CA ILE A 36 -6.63 7.39 -15.63
C ILE A 36 -7.56 8.57 -15.97
N MET A 37 -8.15 9.16 -14.95
CA MET A 37 -9.06 10.27 -15.14
C MET A 37 -8.30 11.58 -15.33
N ASP A 38 -8.94 12.53 -16.02
CA ASP A 38 -8.38 13.86 -16.23
C ASP A 38 -7.92 14.49 -14.92
N LYS A 39 -6.72 15.06 -14.95
CA LYS A 39 -6.09 15.65 -13.76
C LYS A 39 -6.88 16.83 -13.19
N SER A 40 -7.54 17.58 -14.06
CA SER A 40 -8.28 18.77 -13.66
C SER A 40 -9.53 18.47 -12.82
N SER A 41 -10.11 17.29 -13.02
CA SER A 41 -11.40 16.96 -12.40
C SER A 41 -11.34 15.85 -11.34
N ARG A 42 -10.34 14.99 -11.42
CA ARG A 42 -10.27 13.79 -10.57
C ARG A 42 -10.01 14.09 -9.09
N THR A 43 -10.61 13.28 -8.22
CA THR A 43 -10.44 13.43 -6.78
C THR A 43 -9.91 12.13 -6.18
N ARG A 44 -8.60 11.92 -6.33
CA ARG A 44 -7.93 10.73 -5.79
C ARG A 44 -7.80 10.79 -4.27
N LEU A 45 -8.13 9.67 -3.62
CA LEU A 45 -8.06 9.55 -2.17
C LEU A 45 -7.10 8.44 -1.74
N ALA A 46 -6.43 8.66 -0.62
CA ALA A 46 -5.59 7.66 0.01
C ALA A 46 -5.76 7.70 1.52
N LEU A 47 -5.56 6.55 2.17
CA LEU A 47 -5.68 6.46 3.62
C LEU A 47 -4.49 5.74 4.23
N ILE A 48 -3.84 6.39 5.20
CA ILE A 48 -2.80 5.77 6.01
C ILE A 48 -3.32 5.61 7.43
N ILE A 49 -3.28 4.36 7.91
CA ILE A 49 -3.52 4.07 9.32
C ILE A 49 -2.20 3.59 9.92
N CYS A 50 -1.65 4.38 10.83
CA CYS A 50 -0.38 4.03 11.47
C CYS A 50 -0.53 3.96 12.99
N ASN A 51 -0.17 2.83 13.56
CA ASN A 51 -0.14 2.66 15.01
C ASN A 51 1.31 2.69 15.52
N GLU A 52 1.60 3.63 16.41
CA GLU A 52 2.93 3.76 17.01
C GLU A 52 2.90 3.57 18.51
N GLU A 53 1.95 4.25 19.17
CA GLU A 53 1.74 4.13 20.61
C GLU A 53 0.80 2.97 20.91
N PHE A 54 1.24 2.08 21.79
CA PHE A 54 0.46 0.89 22.13
C PHE A 54 0.26 0.76 23.63
N ASP A 55 -0.80 0.05 24.00
CA ASP A 55 -1.10 -0.19 25.41
C ASP A 55 -0.17 -1.23 26.03
N SER A 56 0.00 -2.36 25.34
CA SER A 56 0.65 -3.53 25.92
C SER A 56 1.83 -4.10 25.13
N ILE A 57 2.18 -3.46 24.02
CA ILE A 57 3.31 -3.91 23.19
C ILE A 57 4.28 -2.76 22.85
N PRO A 58 5.54 -3.08 22.54
CA PRO A 58 6.59 -2.07 22.34
C PRO A 58 6.23 -0.93 21.39
N ARG A 59 6.69 0.28 21.73
CA ARG A 59 6.48 1.47 20.92
C ARG A 59 7.18 1.35 19.57
N ARG A 60 6.49 1.75 18.50
CA ARG A 60 7.01 1.62 17.15
C ARG A 60 7.84 2.85 16.74
N THR A 61 8.93 3.09 17.46
CA THR A 61 9.79 4.25 17.23
C THR A 61 10.31 4.26 15.80
N GLY A 62 10.16 5.41 15.15
CA GLY A 62 10.55 5.58 13.76
C GLY A 62 9.37 5.62 12.80
N ALA A 63 8.18 5.29 13.29
CA ALA A 63 6.96 5.28 12.49
C ALA A 63 6.64 6.63 11.87
N GLU A 64 6.97 7.71 12.57
CA GLU A 64 6.74 9.07 12.09
C GLU A 64 7.46 9.35 10.75
N VAL A 65 8.64 8.75 10.59
CA VAL A 65 9.41 8.85 9.35
C VAL A 65 8.67 8.15 8.19
N ASP A 66 8.05 7.01 8.50
CA ASP A 66 7.23 6.26 7.54
C ASP A 66 5.97 7.03 7.16
N ILE A 67 5.32 7.63 8.15
CA ILE A 67 4.13 8.47 7.92
C ILE A 67 4.45 9.61 6.97
N THR A 68 5.52 10.34 7.27
CA THR A 68 5.98 11.47 6.46
C THR A 68 6.25 11.03 5.03
N GLY A 69 7.02 9.96 4.87
CA GLY A 69 7.42 9.46 3.57
C GLY A 69 6.26 9.02 2.71
N MET A 70 5.36 8.23 3.29
CA MET A 70 4.20 7.71 2.56
C MET A 70 3.21 8.81 2.23
N THR A 71 2.93 9.67 3.20
CA THR A 71 2.05 10.83 2.99
C THR A 71 2.52 11.68 1.82
N MET A 72 3.80 12.07 1.83
CA MET A 72 4.37 12.89 0.77
C MET A 72 4.39 12.17 -0.57
N LEU A 73 4.68 10.86 -0.55
CA LEU A 73 4.72 10.05 -1.77
C LEU A 73 3.36 9.98 -2.47
N LEU A 74 2.33 9.65 -1.70
CA LEU A 74 0.98 9.50 -2.25
C LEU A 74 0.41 10.83 -2.73
N GLN A 75 0.82 11.91 -2.06
CA GLN A 75 0.47 13.27 -2.50
C GLN A 75 1.17 13.59 -3.82
N ASN A 76 2.45 13.23 -3.91
CA ASN A 76 3.24 13.38 -5.14
C ASN A 76 2.61 12.68 -6.34
N LEU A 77 1.98 11.54 -6.06
CA LEU A 77 1.31 10.73 -7.09
C LEU A 77 -0.12 11.20 -7.38
N GLY A 78 -0.56 12.21 -6.62
CA GLY A 78 -1.84 12.88 -6.87
C GLY A 78 -2.99 12.52 -5.96
N TYR A 79 -2.69 11.91 -4.83
CA TYR A 79 -3.72 11.46 -3.88
C TYR A 79 -3.85 12.39 -2.69
N SER A 80 -5.09 12.64 -2.26
CA SER A 80 -5.36 13.36 -1.02
C SER A 80 -5.34 12.37 0.13
N VAL A 81 -4.48 12.62 1.10
CA VAL A 81 -4.15 11.62 2.12
C VAL A 81 -4.79 11.87 3.49
N ASP A 82 -5.56 10.89 3.94
CA ASP A 82 -6.06 10.82 5.31
C ASP A 82 -5.06 10.07 6.17
N VAL A 83 -4.67 10.66 7.30
CA VAL A 83 -3.75 10.00 8.23
C VAL A 83 -4.40 9.76 9.59
N LYS A 84 -4.59 8.49 9.92
CA LYS A 84 -5.20 8.11 11.20
C LYS A 84 -4.20 7.34 12.05
N LYS A 85 -4.13 7.69 13.33
CA LYS A 85 -3.11 7.16 14.22
C LYS A 85 -3.67 6.47 15.46
N ASN A 86 -2.99 5.41 15.88
CA ASN A 86 -3.27 4.69 17.13
C ASN A 86 -4.73 4.31 17.31
N LEU A 87 -5.18 3.37 16.47
CA LEU A 87 -6.56 2.91 16.46
C LEU A 87 -6.63 1.44 16.86
N THR A 88 -7.74 1.08 17.50
CA THR A 88 -8.06 -0.32 17.77
C THR A 88 -8.57 -0.95 16.48
N ALA A 89 -8.65 -2.28 16.45
CA ALA A 89 -9.15 -2.99 15.27
C ALA A 89 -10.55 -2.53 14.86
N SER A 90 -11.39 -2.25 15.85
CA SER A 90 -12.75 -1.74 15.63
C SER A 90 -12.74 -0.34 15.04
N ASP A 91 -11.83 0.51 15.52
CA ASP A 91 -11.67 1.86 14.99
C ASP A 91 -11.17 1.82 13.55
N MET A 92 -10.30 0.86 13.24
CA MET A 92 -9.77 0.68 11.89
C MET A 92 -10.90 0.32 10.93
N THR A 93 -11.73 -0.63 11.36
CA THR A 93 -12.94 -1.04 10.63
C THR A 93 -13.89 0.13 10.37
N THR A 94 -14.11 0.96 11.39
CA THR A 94 -14.99 2.12 11.30
C THR A 94 -14.46 3.12 10.28
N GLU A 95 -13.16 3.37 10.33
CA GLU A 95 -12.48 4.30 9.42
C GLU A 95 -12.48 3.79 7.99
N LEU A 96 -12.19 2.50 7.82
CA LEU A 96 -12.24 1.83 6.52
C LEU A 96 -13.64 1.93 5.90
N GLU A 97 -14.65 1.72 6.72
CA GLU A 97 -16.05 1.79 6.30
C GLU A 97 -16.40 3.21 5.86
N ALA A 98 -15.91 4.19 6.61
CA ALA A 98 -16.09 5.60 6.28
C ALA A 98 -15.33 5.98 5.00
N PHE A 99 -14.14 5.41 4.84
CA PHE A 99 -13.33 5.66 3.65
C PHE A 99 -13.99 5.10 2.39
N ALA A 100 -14.57 3.92 2.50
CA ALA A 100 -15.28 3.28 1.39
C ALA A 100 -16.54 4.05 0.97
N HIS A 101 -17.06 4.88 1.88
CA HIS A 101 -18.28 5.66 1.64
C HIS A 101 -18.02 7.05 1.09
N ARG A 102 -16.75 7.42 0.95
CA ARG A 102 -16.38 8.77 0.50
C ARG A 102 -16.76 9.02 -0.95
N PRO A 103 -17.48 10.12 -1.20
CA PRO A 103 -18.02 10.41 -2.55
C PRO A 103 -16.96 10.67 -3.61
N GLU A 104 -15.76 11.10 -3.18
CA GLU A 104 -14.65 11.38 -4.10
C GLU A 104 -14.22 10.18 -4.94
N HIS A 105 -14.39 8.97 -4.38
CA HIS A 105 -14.06 7.72 -5.06
C HIS A 105 -14.79 7.57 -6.39
N LYS A 106 -15.95 8.20 -6.49
CA LYS A 106 -16.76 8.20 -7.70
C LYS A 106 -16.06 8.97 -8.82
N THR A 107 -15.39 10.06 -8.46
CA THR A 107 -14.61 10.85 -9.41
C THR A 107 -13.11 10.58 -9.25
N SER A 108 -12.77 9.34 -8.89
CA SER A 108 -11.38 8.89 -8.83
C SER A 108 -11.19 7.65 -9.69
N ASP A 109 -9.93 7.38 -10.06
CA ASP A 109 -9.60 6.24 -10.92
C ASP A 109 -8.93 5.10 -10.16
N SER A 110 -8.56 5.36 -8.90
CA SER A 110 -7.81 4.40 -8.08
C SER A 110 -7.81 4.79 -6.60
N THR A 111 -7.22 3.94 -5.76
CA THR A 111 -6.96 4.26 -4.36
C THR A 111 -5.73 3.54 -3.80
N PHE A 112 -5.20 4.07 -2.69
CA PHE A 112 -4.13 3.46 -1.93
C PHE A 112 -4.53 3.35 -0.46
N LEU A 113 -4.30 2.18 0.13
CA LEU A 113 -4.53 1.96 1.57
C LEU A 113 -3.21 1.53 2.20
N VAL A 114 -2.78 2.26 3.22
CA VAL A 114 -1.52 1.95 3.89
C VAL A 114 -1.74 1.64 5.38
N PHE A 115 -1.33 0.45 5.79
CA PHE A 115 -1.40 0.05 7.19
C PHE A 115 0.00 -0.15 7.74
N MET A 116 0.29 0.51 8.85
CA MET A 116 1.60 0.41 9.48
C MET A 116 1.43 0.18 10.98
N SER A 117 1.74 -1.03 11.42
CA SER A 117 1.51 -1.43 12.80
C SER A 117 2.33 -2.67 13.16
N HIS A 118 2.19 -3.11 14.40
CA HIS A 118 2.63 -4.45 14.79
C HIS A 118 1.65 -5.43 14.17
N GLY A 119 2.09 -6.67 14.02
CA GLY A 119 1.25 -7.70 13.47
C GLY A 119 1.67 -9.10 13.88
N ILE A 120 0.73 -10.03 13.74
CA ILE A 120 0.98 -11.45 13.97
C ILE A 120 0.60 -12.22 12.71
N ARG A 121 0.77 -13.54 12.77
CA ARG A 121 0.41 -14.44 11.66
C ARG A 121 -1.02 -14.20 11.16
N GLU A 122 -1.93 -13.90 12.08
CA GLU A 122 -3.36 -13.78 11.78
C GLU A 122 -3.75 -12.42 11.18
N GLY A 123 -2.95 -11.38 11.45
CA GLY A 123 -3.25 -10.06 10.93
C GLY A 123 -2.59 -8.89 11.66
N ILE A 124 -3.19 -7.71 11.52
CA ILE A 124 -2.63 -6.44 12.00
C ILE A 124 -3.11 -6.09 13.41
N CYS A 125 -2.17 -5.69 14.27
CA CYS A 125 -2.45 -5.36 15.67
C CYS A 125 -3.07 -3.98 15.85
N GLY A 126 -4.19 -3.94 16.58
CA GLY A 126 -4.77 -2.70 17.03
C GLY A 126 -4.01 -2.17 18.25
N LYS A 127 -4.38 -0.97 18.70
CA LYS A 127 -3.68 -0.31 19.82
C LYS A 127 -3.82 -1.05 21.16
N LYS A 128 -4.91 -1.80 21.32
CA LYS A 128 -5.22 -2.48 22.56
C LYS A 128 -4.81 -3.96 22.57
N HIS A 129 -3.90 -4.33 21.68
CA HIS A 129 -3.53 -5.74 21.51
C HIS A 129 -2.67 -6.30 22.64
N SER A 130 -3.02 -7.50 23.07
CA SER A 130 -2.20 -8.31 23.97
C SER A 130 -2.47 -9.78 23.65
N GLU A 131 -1.55 -10.64 24.05
CA GLU A 131 -1.72 -12.08 23.88
C GLU A 131 -2.94 -12.60 24.64
N GLN A 132 -3.24 -11.95 25.76
CA GLN A 132 -4.40 -12.27 26.59
C GLN A 132 -5.69 -11.80 25.90
N VAL A 133 -5.73 -10.54 25.50
CA VAL A 133 -6.87 -9.96 24.79
C VAL A 133 -6.43 -9.51 23.39
N PRO A 134 -6.62 -10.39 22.40
CA PRO A 134 -6.26 -10.06 21.01
C PRO A 134 -7.07 -8.91 20.43
N ASP A 135 -6.40 -8.04 19.66
CA ASP A 135 -7.05 -6.95 18.94
C ASP A 135 -6.47 -6.90 17.53
N ILE A 136 -7.04 -7.72 16.65
CA ILE A 136 -6.48 -7.93 15.32
C ILE A 136 -7.46 -7.56 14.20
N LEU A 137 -6.97 -6.84 13.20
CA LEU A 137 -7.70 -6.66 11.94
C LEU A 137 -7.11 -7.60 10.90
N GLN A 138 -7.97 -8.45 10.35
CA GLN A 138 -7.56 -9.43 9.34
C GLN A 138 -7.52 -8.81 7.95
N LEU A 139 -6.49 -9.17 7.18
CA LEU A 139 -6.35 -8.73 5.79
C LEU A 139 -7.60 -9.02 4.97
N ASN A 140 -8.21 -10.17 5.23
CA ASN A 140 -9.47 -10.58 4.59
C ASN A 140 -10.57 -9.51 4.72
N ALA A 141 -10.67 -8.90 5.90
CA ALA A 141 -11.69 -7.89 6.18
C ALA A 141 -11.46 -6.58 5.45
N ILE A 142 -10.19 -6.21 5.30
CA ILE A 142 -9.78 -5.04 4.49
C ILE A 142 -10.27 -5.17 3.05
N PHE A 143 -10.09 -6.37 2.47
CA PHE A 143 -10.55 -6.66 1.10
C PHE A 143 -12.07 -6.61 1.00
N ASN A 144 -12.75 -7.20 1.98
CA ASN A 144 -14.21 -7.25 2.01
C ASN A 144 -14.84 -5.86 2.01
N MET A 145 -14.27 -4.99 2.84
CA MET A 145 -14.78 -3.62 3.00
C MET A 145 -14.56 -2.75 1.76
N LEU A 146 -13.59 -3.13 0.93
CA LEU A 146 -13.21 -2.35 -0.25
C LEU A 146 -13.64 -3.00 -1.58
N ASN A 147 -14.31 -4.15 -1.52
CA ASN A 147 -14.74 -4.84 -2.73
C ASN A 147 -15.96 -4.19 -3.38
N THR A 148 -16.47 -4.78 -4.46
CA THR A 148 -17.57 -4.21 -5.24
C THR A 148 -18.90 -4.14 -4.49
N LYS A 149 -19.11 -5.09 -3.58
CA LYS A 149 -20.30 -5.14 -2.74
C LYS A 149 -20.35 -3.98 -1.74
N ASN A 150 -19.24 -3.76 -1.03
CA ASN A 150 -19.18 -2.79 0.05
C ASN A 150 -18.58 -1.44 -0.33
N CYS A 151 -17.97 -1.37 -1.52
CA CYS A 151 -17.43 -0.13 -2.07
C CYS A 151 -17.64 -0.09 -3.59
N PRO A 152 -18.91 0.03 -4.02
CA PRO A 152 -19.23 0.07 -5.46
C PRO A 152 -18.56 1.21 -6.22
N SER A 153 -18.21 2.30 -5.54
CA SER A 153 -17.56 3.45 -6.17
C SER A 153 -16.20 3.08 -6.79
N LEU A 154 -15.55 2.07 -6.24
CA LEU A 154 -14.21 1.68 -6.66
C LEU A 154 -14.18 0.46 -7.59
N LYS A 155 -15.36 0.12 -8.12
CA LYS A 155 -15.51 -0.92 -9.12
C LYS A 155 -14.62 -0.61 -10.34
N ASP A 156 -13.92 -1.64 -10.83
CA ASP A 156 -13.01 -1.54 -11.99
C ASP A 156 -11.78 -0.66 -11.77
N LYS A 157 -11.58 -0.20 -10.53
CA LYS A 157 -10.48 0.71 -10.23
C LYS A 157 -9.43 0.05 -9.32
N PRO A 158 -8.16 0.26 -9.62
CA PRO A 158 -7.07 -0.32 -8.82
C PRO A 158 -7.14 0.08 -7.35
N LYS A 159 -7.06 -0.91 -6.47
CA LYS A 159 -7.03 -0.69 -5.03
C LYS A 159 -5.75 -1.32 -4.50
N VAL A 160 -4.77 -0.47 -4.19
CA VAL A 160 -3.46 -0.93 -3.76
C VAL A 160 -3.38 -0.88 -2.24
N ILE A 161 -3.13 -2.02 -1.62
CA ILE A 161 -3.02 -2.13 -0.17
C ILE A 161 -1.57 -2.43 0.26
N ILE A 162 -0.96 -1.50 0.99
CA ILE A 162 0.40 -1.68 1.48
C ILE A 162 0.37 -1.91 2.99
N ILE A 163 1.04 -2.98 3.44
CA ILE A 163 1.10 -3.28 4.86
C ILE A 163 2.53 -3.44 5.35
N GLN A 164 2.92 -2.56 6.27
CA GLN A 164 4.16 -2.70 7.02
C GLN A 164 3.81 -3.28 8.39
N ALA A 165 4.20 -4.54 8.60
CA ALA A 165 3.90 -5.27 9.83
C ALA A 165 4.62 -6.62 9.86
N CYS A 166 4.93 -7.09 11.07
CA CYS A 166 5.38 -8.46 11.27
C CYS A 166 4.22 -9.40 11.00
N ARG A 167 4.54 -10.63 10.61
CA ARG A 167 3.52 -11.64 10.37
C ARG A 167 3.81 -12.89 11.19
N GLY A 168 4.50 -12.67 12.32
CA GLY A 168 4.94 -13.75 13.19
C GLY A 168 6.27 -13.43 13.84
N ASP A 169 6.82 -14.38 14.57
CA ASP A 169 8.04 -14.18 15.35
C ASP A 169 9.34 -14.56 14.63
N SER A 170 9.22 -15.31 13.54
CA SER A 170 10.36 -15.92 12.87
C SER A 170 11.23 -14.94 12.07
N PRO A 171 12.55 -15.16 12.07
CA PRO A 171 13.49 -14.27 11.39
C PRO A 171 13.45 -14.35 9.86
N GLY A 172 12.81 -15.39 9.32
CA GLY A 172 12.66 -15.53 7.89
C GLY A 172 13.89 -16.07 7.16
N VAL A 173 14.79 -16.70 7.90
CA VAL A 173 16.04 -17.18 7.34
C VAL A 173 16.35 -18.64 7.66
N VAL A 174 17.05 -19.30 6.75
CA VAL A 174 17.59 -20.64 6.94
C VAL A 174 19.06 -20.65 6.48
N TRP A 175 19.87 -21.55 7.04
CA TRP A 175 21.29 -21.64 6.67
C TRP A 175 21.52 -22.63 5.54
N PHE A 176 22.57 -22.37 4.76
CA PHE A 176 23.05 -23.29 3.73
C PHE A 176 24.57 -23.12 3.58
N LYS A 177 25.24 -24.18 3.14
CA LYS A 177 26.67 -24.10 2.86
C LYS A 177 26.94 -23.98 1.36
N ASP A 178 28.04 -23.33 1.01
CA ASP A 178 28.45 -23.18 -0.39
C ASP A 178 29.08 -24.48 -0.92
N ALA B 1 -31.54 -1.34 -16.52
CA ALA B 1 -31.33 -2.80 -16.32
C ALA B 1 -30.17 -3.07 -15.37
N ILE B 2 -30.14 -4.28 -14.81
CA ILE B 2 -29.06 -4.69 -13.92
C ILE B 2 -28.04 -5.57 -14.63
N LYS B 3 -26.78 -5.43 -14.26
CA LYS B 3 -25.68 -6.18 -14.84
C LYS B 3 -24.82 -6.79 -13.74
N LYS B 4 -24.17 -7.91 -14.06
CA LYS B 4 -23.29 -8.60 -13.12
C LYS B 4 -21.89 -7.99 -13.12
N ALA B 5 -21.30 -7.89 -11.92
CA ALA B 5 -19.90 -7.53 -11.76
C ALA B 5 -19.22 -8.52 -10.81
N HIS B 6 -17.92 -8.71 -10.99
CA HIS B 6 -17.14 -9.52 -10.05
C HIS B 6 -17.16 -8.82 -8.70
N ILE B 7 -17.42 -9.57 -7.65
CA ILE B 7 -17.43 -9.02 -6.29
C ILE B 7 -16.03 -8.56 -5.85
N GLU B 8 -15.01 -9.28 -6.28
CA GLU B 8 -13.63 -8.93 -5.96
C GLU B 8 -12.76 -8.89 -7.21
N LYS B 9 -12.22 -7.71 -7.48
CA LYS B 9 -11.43 -7.45 -8.68
C LYS B 9 -10.61 -6.17 -8.50
N ASP B 10 -9.50 -6.09 -9.23
CA ASP B 10 -8.63 -4.91 -9.27
C ASP B 10 -7.98 -4.59 -7.93
N PHE B 11 -7.58 -5.64 -7.21
CA PHE B 11 -6.86 -5.50 -5.95
C PHE B 11 -5.39 -5.90 -6.13
N ILE B 12 -4.51 -5.28 -5.34
CA ILE B 12 -3.17 -5.77 -5.12
C ILE B 12 -2.71 -5.38 -3.72
N ALA B 13 -2.28 -6.38 -2.95
CA ALA B 13 -1.72 -6.15 -1.63
C ALA B 13 -0.21 -6.40 -1.66
N PHE B 14 0.52 -5.57 -0.93
CA PHE B 14 1.96 -5.70 -0.79
C PHE B 14 2.32 -5.68 0.69
N CYS B 15 2.76 -6.83 1.19
CA CYS B 15 3.14 -6.98 2.60
C CYS B 15 4.65 -6.90 2.78
N SER B 16 5.07 -6.45 3.96
CA SER B 16 6.49 -6.19 4.28
C SER B 16 7.37 -7.44 4.37
N SER B 17 6.76 -8.59 4.63
CA SER B 17 7.50 -9.86 4.73
C SER B 17 6.59 -11.04 4.38
N THR B 18 7.18 -12.23 4.32
CA THR B 18 6.43 -13.48 4.11
C THR B 18 5.71 -13.89 5.40
N PRO B 19 4.64 -14.69 5.28
CA PRO B 19 3.91 -15.21 6.45
C PRO B 19 4.81 -15.95 7.44
N ASP B 20 4.55 -15.75 8.74
CA ASP B 20 5.33 -16.28 9.87
C ASP B 20 6.49 -15.39 10.27
N ASN B 21 6.85 -14.45 9.41
CA ASN B 21 8.12 -13.73 9.56
C ASN B 21 8.02 -12.27 9.95
N VAL B 22 9.06 -11.81 10.65
CA VAL B 22 9.15 -10.42 11.10
C VAL B 22 9.51 -9.47 9.96
N SER B 23 9.23 -8.19 10.19
CA SER B 23 9.66 -7.11 9.30
C SER B 23 10.42 -6.11 10.15
N TRP B 24 11.40 -5.45 9.56
CA TRP B 24 12.32 -4.61 10.33
C TRP B 24 12.00 -3.12 10.25
N ARG B 25 12.46 -2.41 11.29
CA ARG B 25 12.22 -0.97 11.43
C ARG B 25 13.34 -0.33 12.25
N HIS B 26 13.89 0.76 11.71
CA HIS B 26 14.93 1.53 12.39
C HIS B 26 14.30 2.70 13.18
N PRO B 27 14.74 2.90 14.42
CA PRO B 27 14.14 3.92 15.30
C PRO B 27 14.30 5.37 14.84
N THR B 28 15.26 5.65 13.96
CA THR B 28 15.44 7.00 13.41
C THR B 28 15.28 7.04 11.89
N MET B 29 15.53 5.91 11.24
CA MET B 29 15.49 5.83 9.78
C MET B 29 14.15 5.35 9.23
N GLY B 30 13.32 4.79 10.11
CA GLY B 30 12.01 4.28 9.73
C GLY B 30 12.08 2.83 9.27
N SER B 31 10.94 2.31 8.81
CA SER B 31 10.86 0.93 8.32
C SER B 31 11.52 0.78 6.96
N VAL B 32 12.29 -0.29 6.79
CA VAL B 32 13.07 -0.51 5.57
C VAL B 32 12.20 -0.80 4.34
N PHE B 33 11.15 -1.59 4.53
CA PHE B 33 10.19 -1.89 3.45
C PHE B 33 9.53 -0.60 2.94
N ILE B 34 9.13 0.26 3.87
CA ILE B 34 8.49 1.53 3.55
C ILE B 34 9.44 2.48 2.82
N GLY B 35 10.65 2.63 3.34
CA GLY B 35 11.67 3.47 2.72
C GLY B 35 12.08 2.99 1.34
N ARG B 36 12.16 1.67 1.19
CA ARG B 36 12.52 1.03 -0.07
C ARG B 36 11.42 1.20 -1.12
N LEU B 37 10.16 1.10 -0.67
CA LEU B 37 8.99 1.26 -1.54
C LEU B 37 8.91 2.68 -2.13
N ILE B 38 9.08 3.68 -1.27
CA ILE B 38 9.11 5.08 -1.69
C ILE B 38 10.21 5.30 -2.73
N GLU B 39 11.42 4.84 -2.42
CA GLU B 39 12.57 5.00 -3.31
C GLU B 39 12.31 4.41 -4.70
N HIS B 40 11.74 3.21 -4.74
CA HIS B 40 11.44 2.54 -6.00
C HIS B 40 10.26 3.19 -6.74
N MET B 41 9.26 3.64 -5.97
CA MET B 41 8.13 4.39 -6.52
C MET B 41 8.62 5.67 -7.20
N GLN B 42 9.41 6.46 -6.47
CA GLN B 42 9.97 7.71 -6.99
C GLN B 42 10.75 7.48 -8.29
N GLU B 43 11.51 6.40 -8.32
CA GLU B 43 12.36 6.06 -9.46
C GLU B 43 11.59 5.47 -10.64
N TYR B 44 10.65 4.56 -10.37
CA TYR B 44 10.09 3.72 -11.42
C TYR B 44 8.63 3.97 -11.81
N ALA B 45 7.91 4.78 -11.03
CA ALA B 45 6.50 5.08 -11.35
C ALA B 45 6.32 5.60 -12.77
N CYS B 46 7.32 6.32 -13.28
CA CYS B 46 7.28 6.87 -14.64
C CYS B 46 7.33 5.81 -15.73
N SER B 47 7.99 4.68 -15.44
CA SER B 47 8.27 3.67 -16.47
C SER B 47 7.64 2.30 -16.23
N CYS B 48 7.32 1.98 -14.98
CA CYS B 48 6.82 0.64 -14.64
C CYS B 48 5.44 0.67 -14.02
N ASP B 49 4.66 -0.38 -14.27
CA ASP B 49 3.39 -0.57 -13.57
C ASP B 49 3.65 -1.03 -12.13
N VAL B 50 2.69 -0.83 -11.24
CA VAL B 50 2.91 -1.06 -9.80
C VAL B 50 3.38 -2.48 -9.47
N GLU B 51 2.90 -3.47 -10.23
CA GLU B 51 3.29 -4.86 -10.06
C GLU B 51 4.79 -5.04 -10.32
N GLU B 52 5.27 -4.45 -11.41
CA GLU B 52 6.70 -4.42 -11.75
C GLU B 52 7.51 -3.78 -10.63
N ILE B 53 7.05 -2.62 -10.16
CA ILE B 53 7.71 -1.87 -9.08
C ILE B 53 7.83 -2.74 -7.83
N PHE B 54 6.73 -3.42 -7.47
CA PHE B 54 6.70 -4.29 -6.31
C PHE B 54 7.70 -5.44 -6.42
N ARG B 55 7.78 -6.04 -7.62
CA ARG B 55 8.80 -7.05 -7.89
C ARG B 55 10.21 -6.50 -7.69
N LYS B 56 10.44 -5.27 -8.11
CA LYS B 56 11.76 -4.65 -8.00
C LYS B 56 12.13 -4.38 -6.54
N VAL B 57 11.13 -3.98 -5.74
CA VAL B 57 11.30 -3.84 -4.29
C VAL B 57 11.72 -5.19 -3.68
N ARG B 58 11.04 -6.26 -4.11
CA ARG B 58 11.38 -7.63 -3.68
C ARG B 58 12.82 -7.99 -4.02
N PHE B 59 13.21 -7.74 -5.27
CA PHE B 59 14.55 -8.01 -5.75
C PHE B 59 15.62 -7.32 -4.90
N SER B 60 15.31 -6.11 -4.44
CA SER B 60 16.25 -5.33 -3.61
C SER B 60 16.50 -5.98 -2.24
N PHE B 61 15.60 -6.86 -1.82
CA PHE B 61 15.74 -7.60 -0.58
C PHE B 61 16.39 -8.98 -0.76
N GLU B 62 16.64 -9.36 -2.01
CA GLU B 62 17.13 -10.71 -2.37
C GLU B 62 18.32 -11.20 -1.54
N GLN B 63 19.36 -10.37 -1.41
CA GLN B 63 20.55 -10.72 -0.64
C GLN B 63 20.30 -10.50 0.86
N PRO B 64 20.21 -11.58 1.62
CA PRO B 64 19.87 -11.51 3.05
C PRO B 64 21.06 -11.07 3.90
N ASP B 65 20.78 -10.28 4.93
CA ASP B 65 21.77 -9.88 5.91
C ASP B 65 21.30 -10.27 7.32
N GLY B 66 21.79 -9.55 8.33
CA GLY B 66 21.40 -9.79 9.71
C GLY B 66 19.93 -9.53 9.98
N ARG B 67 19.37 -8.57 9.25
CA ARG B 67 17.95 -8.23 9.33
C ARG B 67 17.29 -8.48 7.98
N ALA B 68 16.99 -9.74 7.67
CA ALA B 68 16.44 -10.12 6.39
C ALA B 68 14.92 -10.20 6.38
N GLN B 69 14.32 -9.87 5.24
CA GLN B 69 12.88 -10.01 5.01
C GLN B 69 12.59 -10.07 3.52
N MET B 70 11.46 -10.69 3.18
CA MET B 70 11.04 -10.82 1.79
C MET B 70 9.61 -10.34 1.62
N PRO B 71 9.44 -9.09 1.19
CA PRO B 71 8.11 -8.53 0.93
C PRO B 71 7.30 -9.40 -0.02
N THR B 72 6.00 -9.48 0.22
CA THR B 72 5.14 -10.43 -0.49
C THR B 72 3.95 -9.72 -1.11
N THR B 73 3.74 -9.98 -2.40
CA THR B 73 2.54 -9.51 -3.08
C THR B 73 1.44 -10.54 -2.89
N GLU B 74 0.27 -10.10 -2.46
CA GLU B 74 -0.83 -10.98 -2.08
C GLU B 74 -2.14 -10.67 -2.81
N ARG B 75 -2.98 -11.69 -2.95
CA ARG B 75 -4.35 -11.57 -3.47
C ARG B 75 -4.51 -10.58 -4.62
N VAL B 76 -3.81 -10.85 -5.73
CA VAL B 76 -3.82 -9.95 -6.88
C VAL B 76 -4.97 -10.26 -7.83
N THR B 77 -5.83 -9.28 -8.06
CA THR B 77 -6.89 -9.39 -9.06
C THR B 77 -6.87 -8.24 -10.08
N LEU B 78 -5.70 -7.62 -10.25
CA LEU B 78 -5.52 -6.64 -11.31
C LEU B 78 -5.61 -7.36 -12.64
N THR B 79 -6.50 -6.87 -13.52
CA THR B 79 -6.71 -7.46 -14.84
C THR B 79 -5.91 -6.72 -15.90
N ARG B 80 -5.46 -5.52 -15.55
CA ARG B 80 -4.67 -4.68 -16.44
C ARG B 80 -3.42 -4.20 -15.71
N CYS B 81 -2.51 -3.57 -16.44
CA CYS B 81 -1.34 -2.93 -15.83
C CYS B 81 -1.74 -1.59 -15.25
N PHE B 82 -1.36 -1.36 -13.99
CA PHE B 82 -1.61 -0.07 -13.34
C PHE B 82 -0.39 0.83 -13.41
N TYR B 83 -0.42 1.77 -14.34
CA TYR B 83 0.61 2.80 -14.46
C TYR B 83 0.14 4.07 -13.77
N LEU B 84 1.04 4.67 -12.97
CA LEU B 84 0.73 5.87 -12.20
C LEU B 84 0.80 7.14 -13.05
N PHE B 85 1.52 7.07 -14.17
CA PHE B 85 1.76 8.22 -15.05
C PHE B 85 2.06 9.52 -14.27
N PRO B 86 3.08 9.53 -13.42
CA PRO B 86 3.37 10.71 -12.59
C PRO B 86 3.58 11.96 -13.45
N GLY B 87 3.00 13.07 -13.01
CA GLY B 87 3.00 14.31 -13.76
C GLY B 87 1.73 14.46 -14.59
N HIS B 88 0.96 13.38 -14.67
CA HIS B 88 -0.28 13.36 -15.42
C HIS B 88 -1.44 12.86 -14.55
O33 HQC C . 5.70 -6.32 14.42
C20 HQC C . 6.84 -6.37 14.00
C17 HQC C . 7.63 -5.10 13.86
C9 HQC C . 7.31 -4.44 12.52
C11 HQC C . 7.13 -2.94 12.66
O32 HQC C . 6.93 -2.44 13.79
O29 HQC C . 7.19 -2.24 11.63
N1 HQC C . 9.07 -5.34 13.99
C19 HQC C . 9.66 -5.40 15.19
O30 HQC C . 9.08 -5.15 16.24
C10 HQC C . 11.11 -5.80 15.20
C14 HQC C . 11.36 -7.21 15.65
S35 HQC C . 10.30 -8.13 16.64
C7 HQC C . 11.35 -9.46 16.61
C15 HQC C . 12.45 -9.24 15.87
C5 HQC C . 12.51 -7.94 15.32
C12 HQC C . 11.91 -4.85 16.09
C13 HQC C . 12.54 -3.73 15.27
C6 HQC C . 12.58 -2.43 16.06
C16 HQC C . 13.81 -2.36 16.97
N3 HQC C . 15.06 -2.47 16.24
C8 HQC C . 15.98 -1.52 16.23
O31 HQC C . 15.96 -0.58 17.03
C18 HQC C . 17.08 -1.59 15.21
N2 HQC C . 16.78 -1.66 13.91
C24 HQC C . 18.41 -1.56 15.63
C23 HQC C . 19.43 -1.63 14.67
C22 HQC C . 19.08 -1.70 13.33
C4 HQC C . 20.08 -1.76 12.36
C21 HQC C . 17.73 -1.72 12.96
C25 HQC C . 17.40 -1.79 11.61
O28 HQC C . 16.11 -1.80 11.24
C26 HQC C . 18.39 -1.84 10.63
C27 HQC C . 19.74 -1.83 11.00
#